data_6VW9
#
_entry.id   6VW9
#
_cell.length_a   104.320
_cell.length_b   65.546
_cell.length_c   56.523
_cell.angle_alpha   90.000
_cell.angle_beta   97.174
_cell.angle_gamma   90.000
#
_symmetry.space_group_name_H-M   'C 1 2 1'
#
loop_
_entity.id
_entity.type
_entity.pdbx_description
1 polymer K+/Cl-Cotransporter
2 polymer K+/Cl-Cotransporter
3 non-polymer 3,6,9,12,15,18-HEXAOXAICOSANE-1,20-DIOL
4 non-polymer GLYCEROL
5 water water
#
loop_
_entity_poly.entity_id
_entity_poly.type
_entity_poly.pdbx_seq_one_letter_code
_entity_poly.pdbx_strand_id
1 'polypeptide(L)'
;SNWRPQLLLLLSMQWSKEIIDVRYLNLLNLASQLKAGKGLTVVTAFLQGDPTSPDDKKKGEQVKARMDFDMNQVRLRGFA
KTLVHSEDQVRGSMSTLVQSVGLGGLKPNTMLISWPVHEREEDMTEYNTFIEKVHAASINDMAIVVAKGIIDFPSAVFRM
SGMIDVYWIVHDGGLCLLMGYLLKQHKVWRGCKLRVIGIAQESDNNVKMQEDLQKYVYQLRIDAKIMIVELAD
;
A
2 'polypeptide(L)' SKMHTAVRLNELLLQHSANSQLILLNLPKPPVHKDQQALDDYVHYLEVMTDKLNRVIFVRGTGKEVITESS B
#
loop_
_chem_comp.id
_chem_comp.type
_chem_comp.name
_chem_comp.formula
GOL non-polymer GLYCEROL 'C3 H8 O3'
P33 non-polymer 3,6,9,12,15,18-HEXAOXAICOSANE-1,20-DIOL 'C14 H30 O8'
#
# COMPACT_ATOMS: atom_id res chain seq x y z
N SER A 1 -9.91 20.05 -6.25
CA SER A 1 -9.38 18.89 -5.49
C SER A 1 -7.96 18.55 -5.95
N ASN A 2 -7.82 17.88 -7.11
CA ASN A 2 -6.50 17.46 -7.64
C ASN A 2 -5.77 16.64 -6.56
N TRP A 3 -6.48 15.69 -5.98
CA TRP A 3 -5.97 14.86 -4.87
C TRP A 3 -4.74 14.08 -5.29
N ARG A 4 -3.67 14.21 -4.53
CA ARG A 4 -2.48 13.40 -4.72
C ARG A 4 -2.06 12.89 -3.36
N PRO A 5 -1.36 11.75 -3.30
CA PRO A 5 -1.10 11.09 -2.01
C PRO A 5 -0.01 11.82 -1.23
N GLN A 6 -0.35 12.19 -0.01
CA GLN A 6 0.61 12.76 0.94
C GLN A 6 0.86 11.66 1.96
N LEU A 7 2.05 11.07 1.90
CA LEU A 7 2.27 9.72 2.39
C LEU A 7 2.71 9.73 3.83
N LEU A 8 2.25 8.70 4.56
CA LEU A 8 2.76 8.36 5.87
C LEU A 8 3.15 6.90 5.81
N LEU A 9 4.41 6.62 6.05
CA LEU A 9 4.84 5.22 6.07
C LEU A 9 4.97 4.78 7.51
N LEU A 10 4.56 3.55 7.81
N LEU A 10 4.55 3.57 7.79
CA LEU A 10 4.69 2.99 9.16
CA LEU A 10 4.67 2.98 9.12
C LEU A 10 5.49 1.72 9.07
C LEU A 10 5.54 1.75 8.96
N LEU A 11 6.67 1.73 9.65
CA LEU A 11 7.59 0.59 9.63
C LEU A 11 7.61 -0.03 11.02
N SER A 12 7.50 -1.34 11.08
CA SER A 12 7.49 -2.01 12.37
C SER A 12 8.43 -3.21 12.39
N MET A 13 9.51 -3.16 11.64
CA MET A 13 10.46 -4.28 11.69
C MET A 13 11.56 -4.00 12.71
N GLN A 14 12.29 -5.06 13.04
CA GLN A 14 13.46 -4.97 13.91
C GLN A 14 14.60 -4.22 13.23
N TRP A 15 15.38 -3.48 14.02
CA TRP A 15 16.53 -2.75 13.53
C TRP A 15 17.80 -3.29 14.16
N SER A 16 18.83 -3.42 13.34
CA SER A 16 20.13 -3.95 13.78
C SER A 16 21.24 -3.14 13.12
N LYS A 17 22.37 -2.99 13.78
CA LYS A 17 23.43 -2.21 13.12
C LYS A 17 24.18 -3.10 12.14
N GLU A 18 23.90 -4.39 12.12
CA GLU A 18 24.64 -5.28 11.22
C GLU A 18 23.98 -5.51 9.88
N ILE A 19 22.71 -5.22 9.73
CA ILE A 19 22.01 -5.47 8.46
C ILE A 19 21.16 -4.27 8.08
N ILE A 20 20.93 -4.15 6.79
CA ILE A 20 19.93 -3.24 6.27
C ILE A 20 18.83 -4.10 5.66
N ASP A 21 17.58 -3.82 6.04
CA ASP A 21 16.44 -4.65 5.62
C ASP A 21 15.97 -4.23 4.23
N VAL A 22 16.02 -5.15 3.25
CA VAL A 22 15.68 -4.75 1.88
C VAL A 22 14.20 -4.43 1.72
N ARG A 23 13.32 -5.16 2.41
CA ARG A 23 11.90 -4.80 2.32
C ARG A 23 11.66 -3.35 2.70
N TYR A 24 12.36 -2.87 3.74
CA TYR A 24 12.25 -1.49 4.15
C TYR A 24 12.75 -0.56 3.06
N LEU A 25 13.93 -0.85 2.47
CA LEU A 25 14.43 0.02 1.40
C LEU A 25 13.49 0.03 0.22
N ASN A 26 12.94 -1.14 -0.12
CA ASN A 26 12.04 -1.20 -1.26
C ASN A 26 10.75 -0.45 -0.99
N LEU A 27 10.27 -0.41 0.26
CA LEU A 27 9.10 0.42 0.53
C LEU A 27 9.43 1.91 0.37
N LEU A 28 10.63 2.35 0.80
CA LEU A 28 11.04 3.72 0.50
C LEU A 28 11.12 3.96 -1.00
N ASN A 29 11.65 2.99 -1.74
CA ASN A 29 11.69 3.16 -3.20
C ASN A 29 10.31 3.31 -3.79
N LEU A 30 9.36 2.47 -3.37
CA LEU A 30 7.99 2.62 -3.86
C LEU A 30 7.40 3.99 -3.52
N ALA A 31 7.58 4.47 -2.28
CA ALA A 31 7.13 5.81 -1.96
C ALA A 31 7.78 6.84 -2.88
N SER A 32 9.07 6.70 -3.14
CA SER A 32 9.73 7.73 -3.91
C SER A 32 9.22 7.73 -5.35
N GLN A 33 8.80 6.57 -5.84
CA GLN A 33 8.34 6.50 -7.21
C GLN A 33 6.96 7.11 -7.32
N LEU A 34 6.15 6.98 -6.27
CA LEU A 34 4.84 7.64 -6.23
C LEU A 34 4.96 9.17 -6.17
N LYS A 35 6.03 9.70 -5.56
CA LYS A 35 6.10 11.14 -5.29
C LYS A 35 6.95 11.91 -6.27
N ALA A 36 7.85 11.25 -7.01
CA ALA A 36 8.65 11.87 -8.05
C ALA A 36 9.29 13.18 -7.56
N GLY A 37 9.98 13.08 -6.43
CA GLY A 37 10.71 14.19 -5.88
C GLY A 37 9.86 15.28 -5.26
N LYS A 38 8.54 15.11 -5.20
CA LYS A 38 7.66 16.15 -4.71
C LYS A 38 7.14 15.82 -3.31
N GLY A 39 6.41 16.78 -2.72
CA GLY A 39 5.67 16.54 -1.50
C GLY A 39 6.57 16.36 -0.28
N LEU A 40 5.94 16.15 0.87
CA LEU A 40 6.65 15.87 2.11
C LEU A 40 6.12 14.58 2.72
N THR A 41 6.89 13.50 2.61
CA THR A 41 6.48 12.20 3.12
C THR A 41 7.00 12.03 4.56
N VAL A 42 6.14 11.52 5.44
CA VAL A 42 6.53 11.18 6.82
C VAL A 42 6.78 9.67 6.89
N VAL A 43 7.96 9.29 7.36
CA VAL A 43 8.35 7.89 7.55
C VAL A 43 8.60 7.68 9.03
N THR A 44 7.84 6.78 9.64
CA THR A 44 7.97 6.54 11.05
C THR A 44 8.32 5.08 11.25
N ALA A 45 9.24 4.85 12.18
CA ALA A 45 9.64 3.51 12.57
C ALA A 45 9.29 3.32 14.03
N PHE A 46 8.78 2.16 14.38
CA PHE A 46 8.42 1.86 15.75
C PHE A 46 9.48 0.93 16.30
N LEU A 47 10.08 1.30 17.43
N LEU A 47 10.11 1.33 17.40
CA LEU A 47 11.19 0.57 18.04
CA LEU A 47 11.16 0.58 18.07
C LEU A 47 10.80 0.13 19.45
C LEU A 47 10.68 0.12 19.42
N GLN A 48 10.80 -1.18 19.67
CA GLN A 48 10.47 -1.70 20.98
C GLN A 48 11.58 -1.34 21.99
N GLY A 49 11.20 -0.76 23.13
CA GLY A 49 12.17 -0.37 24.13
C GLY A 49 11.52 0.41 25.26
N ASP A 50 12.35 0.97 26.15
CA ASP A 50 11.88 1.77 27.29
C ASP A 50 11.78 3.21 26.82
N PRO A 51 10.59 3.80 26.74
CA PRO A 51 10.49 5.18 26.23
C PRO A 51 10.98 6.24 27.21
N THR A 52 11.39 5.87 28.42
CA THR A 52 12.07 6.83 29.30
C THR A 52 13.57 6.58 29.40
N SER A 53 14.12 5.63 28.64
CA SER A 53 15.52 5.23 28.78
C SER A 53 16.41 6.05 27.86
N PRO A 54 17.47 6.67 28.38
CA PRO A 54 18.46 7.35 27.51
C PRO A 54 19.10 6.44 26.47
N ASP A 55 19.45 5.20 26.82
CA ASP A 55 20.05 4.29 25.84
C ASP A 55 19.10 4.05 24.68
N ASP A 56 17.83 3.78 24.97
CA ASP A 56 16.89 3.53 23.89
C ASP A 56 16.61 4.78 23.08
N LYS A 57 16.65 5.97 23.69
CA LYS A 57 16.54 7.19 22.91
C LYS A 57 17.72 7.35 21.97
N LYS A 58 18.92 7.04 22.44
CA LYS A 58 20.09 7.06 21.57
C LYS A 58 19.91 6.09 20.42
N LYS A 59 19.36 4.90 20.67
CA LYS A 59 19.12 3.96 19.57
C LYS A 59 18.12 4.52 18.57
N GLY A 60 17.08 5.18 19.07
CA GLY A 60 16.09 5.74 18.18
C GLY A 60 16.64 6.82 17.30
N GLU A 61 17.57 7.62 17.82
CA GLU A 61 18.21 8.63 16.99
C GLU A 61 19.10 8.00 15.91
N GLN A 62 19.84 6.96 16.26
CA GLN A 62 20.60 6.26 15.21
C GLN A 62 19.69 5.73 14.12
N VAL A 63 18.55 5.14 14.48
CA VAL A 63 17.65 4.64 13.45
C VAL A 63 17.07 5.80 12.65
N LYS A 64 16.71 6.92 13.31
CA LYS A 64 16.26 8.08 12.55
C LYS A 64 17.35 8.57 11.59
N ALA A 65 18.63 8.53 12.01
CA ALA A 65 19.69 9.05 11.15
C ALA A 65 19.86 8.13 9.94
N ARG A 66 19.59 6.85 10.11
CA ARG A 66 19.67 5.92 8.97
C ARG A 66 18.53 6.15 8.00
N MET A 67 17.33 6.40 8.52
CA MET A 67 16.17 6.70 7.69
C MET A 67 16.37 7.98 6.90
N ASP A 68 16.86 9.05 7.55
CA ASP A 68 17.18 10.28 6.82
C ASP A 68 18.14 9.99 5.65
N PHE A 69 19.19 9.22 5.91
CA PHE A 69 20.14 8.90 4.86
C PHE A 69 19.47 8.11 3.75
N ASP A 70 18.67 7.09 4.12
CA ASP A 70 18.10 6.23 3.08
C ASP A 70 17.08 7.00 2.25
N MET A 71 16.28 7.86 2.89
CA MET A 71 15.31 8.66 2.15
C MET A 71 16.02 9.58 1.17
N ASN A 72 17.13 10.14 1.58
CA ASN A 72 17.88 10.98 0.66
C ASN A 72 18.45 10.16 -0.50
N GLN A 73 18.92 8.94 -0.23
CA GLN A 73 19.46 8.11 -1.31
C GLN A 73 18.43 7.81 -2.39
N VAL A 74 17.16 7.61 -2.00
CA VAL A 74 16.12 7.26 -2.96
C VAL A 74 15.34 8.48 -3.41
N ARG A 75 15.79 9.68 -3.03
CA ARG A 75 15.17 10.94 -3.42
C ARG A 75 13.70 10.98 -3.00
N LEU A 76 13.47 10.64 -1.72
CA LEU A 76 12.17 10.76 -1.09
C LEU A 76 12.26 11.95 -0.14
N ARG A 77 11.59 13.04 -0.49
CA ARG A 77 11.64 14.27 0.30
C ARG A 77 10.69 14.19 1.47
N GLY A 78 11.14 14.56 2.66
CA GLY A 78 10.23 14.47 3.79
C GLY A 78 11.00 14.31 5.09
N PHE A 79 10.32 13.71 6.08
CA PHE A 79 10.80 13.62 7.45
C PHE A 79 10.78 12.19 7.94
N ALA A 80 11.71 11.87 8.84
CA ALA A 80 11.74 10.56 9.47
C ALA A 80 11.59 10.71 10.98
N LYS A 81 10.89 9.77 11.63
CA LYS A 81 10.79 9.84 13.08
C LYS A 81 10.80 8.43 13.65
N THR A 82 11.52 8.24 14.74
N THR A 82 11.50 8.23 14.76
CA THR A 82 11.46 6.98 15.49
CA THR A 82 11.48 6.91 15.39
C THR A 82 10.56 7.13 16.70
C THR A 82 10.74 6.98 16.72
N LEU A 83 9.84 6.07 17.04
N LEU A 83 9.71 6.16 16.86
CA LEU A 83 8.89 6.09 18.14
CA LEU A 83 8.93 6.09 18.09
C LEU A 83 9.14 4.88 19.02
C LEU A 83 9.41 4.89 18.91
N VAL A 84 9.69 5.11 20.19
CA VAL A 84 10.00 4.05 21.12
C VAL A 84 8.75 3.72 21.92
N HIS A 85 8.44 2.43 22.05
CA HIS A 85 7.28 2.02 22.82
C HIS A 85 7.62 0.73 23.56
N SER A 86 6.98 0.57 24.71
CA SER A 86 6.98 -0.70 25.42
C SER A 86 6.29 -1.78 24.59
N GLU A 87 6.69 -3.02 24.85
CA GLU A 87 6.17 -4.15 24.08
C GLU A 87 4.65 -4.20 24.12
N ASP A 88 4.10 -4.11 25.32
CA ASP A 88 2.63 -4.22 25.55
C ASP A 88 1.90 -2.93 25.19
N GLN A 89 2.58 -1.91 24.65
CA GLN A 89 1.96 -0.64 24.34
C GLN A 89 2.03 -0.33 22.87
N VAL A 90 2.36 -1.33 22.04
CA VAL A 90 2.53 -1.05 20.63
C VAL A 90 1.21 -0.58 20.03
N ARG A 91 0.07 -1.07 20.52
CA ARG A 91 -1.19 -0.75 19.86
C ARG A 91 -1.55 0.72 20.06
N GLY A 92 -1.46 1.18 21.29
CA GLY A 92 -1.71 2.59 21.55
C GLY A 92 -0.68 3.48 20.91
N SER A 93 0.58 3.03 20.88
CA SER A 93 1.62 3.85 20.26
C SER A 93 1.34 4.03 18.76
N MET A 94 0.97 2.95 18.07
CA MET A 94 0.73 3.11 16.64
C MET A 94 -0.52 3.93 16.38
N SER A 95 -1.58 3.65 17.11
N SER A 95 -1.56 3.70 17.17
CA SER A 95 -2.79 4.42 16.89
CA SER A 95 -2.81 4.39 16.93
C SER A 95 -2.57 5.88 17.23
C SER A 95 -2.75 5.85 17.38
N THR A 96 -1.89 6.17 18.33
CA THR A 96 -1.72 7.57 18.71
C THR A 96 -0.86 8.31 17.68
N LEU A 97 0.15 7.65 17.11
CA LEU A 97 0.99 8.26 16.06
C LEU A 97 0.14 8.67 14.86
N VAL A 98 -0.69 7.76 14.35
CA VAL A 98 -1.55 8.14 13.23
C VAL A 98 -2.51 9.29 13.60
N GLN A 99 -2.94 9.36 14.85
CA GLN A 99 -3.79 10.48 15.30
C GLN A 99 -3.03 11.79 15.37
N SER A 100 -1.75 11.76 15.74
CA SER A 100 -1.04 12.99 16.21
C SER A 100 -0.12 13.54 15.11
N VAL A 101 -0.05 12.86 13.96
CA VAL A 101 0.92 13.21 12.88
C VAL A 101 0.35 14.36 12.04
N GLY A 102 1.13 15.43 11.83
CA GLY A 102 0.67 16.58 11.05
C GLY A 102 0.13 17.68 11.94
N LEU A 103 0.35 17.60 13.24
CA LEU A 103 -0.19 18.67 14.10
C LEU A 103 0.46 19.99 13.71
N GLY A 104 -0.38 20.94 13.30
CA GLY A 104 0.00 22.30 12.89
C GLY A 104 0.63 22.36 11.52
N GLY A 105 0.55 21.28 10.75
CA GLY A 105 1.20 21.20 9.43
C GLY A 105 0.32 20.49 8.45
N LEU A 106 0.86 20.10 7.31
CA LEU A 106 -0.02 19.35 6.38
C LEU A 106 -0.19 17.93 6.95
N LYS A 107 -1.40 17.42 6.94
CA LYS A 107 -1.65 16.10 7.47
C LYS A 107 -1.55 15.08 6.32
N PRO A 108 -0.93 13.94 6.54
CA PRO A 108 -0.96 12.89 5.51
C PRO A 108 -2.40 12.51 5.18
N ASN A 109 -2.60 12.05 3.95
CA ASN A 109 -3.92 11.58 3.51
C ASN A 109 -3.86 10.15 3.01
N THR A 110 -2.70 9.50 3.09
CA THR A 110 -2.47 8.15 2.59
C THR A 110 -1.44 7.46 3.45
N MET A 111 -1.77 6.27 3.93
CA MET A 111 -0.82 5.45 4.64
C MET A 111 -0.28 4.39 3.68
N LEU A 112 1.04 4.18 3.69
CA LEU A 112 1.69 3.16 2.88
C LEU A 112 2.36 2.16 3.81
N ILE A 113 1.96 0.88 3.70
CA ILE A 113 2.57 -0.18 4.49
C ILE A 113 2.82 -1.39 3.62
N SER A 114 3.63 -2.32 4.14
N SER A 114 3.60 -2.33 4.15
CA SER A 114 3.94 -3.59 3.49
CA SER A 114 3.89 -3.57 3.46
C SER A 114 3.03 -4.68 4.04
C SER A 114 3.03 -4.70 4.04
N TRP A 115 2.78 -5.69 3.20
CA TRP A 115 2.09 -6.88 3.63
C TRP A 115 2.92 -7.57 4.70
N PRO A 116 2.29 -8.21 5.69
CA PRO A 116 3.08 -8.87 6.77
C PRO A 116 4.05 -9.90 6.23
N VAL A 117 5.25 -9.93 6.84
CA VAL A 117 6.39 -10.68 6.30
C VAL A 117 6.21 -12.18 6.50
N HIS A 118 5.97 -12.60 7.74
CA HIS A 118 5.90 -14.08 7.98
C HIS A 118 4.51 -14.65 7.77
N GLU A 119 4.44 -15.96 7.56
CA GLU A 119 3.20 -16.72 7.31
C GLU A 119 2.39 -16.76 8.61
N ARG A 120 1.07 -16.92 8.52
CA ARG A 120 0.30 -16.96 9.77
C ARG A 120 0.71 -18.17 10.61
N GLU A 121 1.12 -17.90 11.83
CA GLU A 121 1.48 -18.92 12.86
C GLU A 121 0.49 -18.72 14.03
N GLU A 122 0.30 -19.72 14.89
CA GLU A 122 -0.73 -19.54 15.95
C GLU A 122 -0.21 -20.09 17.28
N THR A 125 0.10 -11.81 15.61
CA THR A 125 0.89 -10.69 16.11
C THR A 125 1.25 -9.78 14.94
N GLU A 126 2.24 -10.20 14.13
CA GLU A 126 2.61 -9.47 12.92
C GLU A 126 1.38 -9.08 12.10
N TYR A 127 0.38 -9.95 12.07
CA TYR A 127 -0.89 -9.70 11.41
C TYR A 127 -1.80 -8.84 12.28
N ASN A 128 -1.81 -9.08 13.58
CA ASN A 128 -2.61 -8.25 14.48
C ASN A 128 -2.17 -6.79 14.41
N THR A 129 -0.89 -6.55 14.19
CA THR A 129 -0.45 -5.19 13.94
C THR A 129 -1.00 -4.68 12.62
N PHE A 130 -1.10 -5.58 11.63
CA PHE A 130 -1.42 -5.14 10.28
C PHE A 130 -2.82 -4.56 10.20
N ILE A 131 -3.80 -5.27 10.75
CA ILE A 131 -5.17 -4.78 10.66
C ILE A 131 -5.36 -3.55 11.53
N GLU A 132 -4.60 -3.46 12.62
CA GLU A 132 -4.63 -2.22 13.42
C GLU A 132 -4.26 -1.03 12.56
N LYS A 133 -3.28 -1.22 11.68
CA LYS A 133 -2.82 -0.13 10.85
C LYS A 133 -3.89 0.23 9.85
N VAL A 134 -4.56 -0.80 9.29
CA VAL A 134 -5.63 -0.57 8.31
C VAL A 134 -6.76 0.23 8.95
N HIS A 135 -7.21 -0.19 10.14
CA HIS A 135 -8.26 0.55 10.86
C HIS A 135 -7.81 1.97 11.19
N ALA A 136 -6.56 2.16 11.59
CA ALA A 136 -6.08 3.50 11.95
C ALA A 136 -6.13 4.45 10.75
N ALA A 137 -5.75 3.97 9.57
CA ALA A 137 -5.85 4.81 8.38
C ALA A 137 -7.28 5.28 8.17
N SER A 138 -8.25 4.36 8.18
CA SER A 138 -9.59 4.77 7.78
C SER A 138 -10.25 5.66 8.82
N ILE A 139 -10.05 5.37 10.11
CA ILE A 139 -10.71 6.21 11.11
C ILE A 139 -10.05 7.61 11.18
N ASN A 140 -8.83 7.75 10.70
CA ASN A 140 -8.18 9.06 10.59
C ASN A 140 -8.28 9.64 9.18
N ASP A 141 -9.27 9.21 8.41
CA ASP A 141 -9.52 9.75 7.06
C ASP A 141 -8.29 9.69 6.16
N MET A 142 -7.64 8.54 6.13
CA MET A 142 -6.53 8.32 5.23
C MET A 142 -6.85 7.19 4.28
N ALA A 143 -6.43 7.33 3.03
CA ALA A 143 -6.35 6.16 2.17
C ALA A 143 -5.29 5.21 2.70
N ILE A 144 -5.35 3.95 2.28
CA ILE A 144 -4.26 3.05 2.65
C ILE A 144 -3.85 2.30 1.40
N VAL A 145 -2.56 2.12 1.26
CA VAL A 145 -1.88 1.46 0.17
C VAL A 145 -1.02 0.38 0.79
N VAL A 146 -1.23 -0.88 0.38
CA VAL A 146 -0.54 -2.04 0.94
C VAL A 146 0.24 -2.71 -0.17
N ALA A 147 1.56 -2.74 -0.06
CA ALA A 147 2.40 -3.38 -1.07
C ALA A 147 2.64 -4.83 -0.68
N LYS A 148 2.27 -5.78 -1.58
CA LYS A 148 2.44 -7.19 -1.30
C LYS A 148 3.46 -7.74 -2.29
N GLY A 149 4.54 -8.34 -1.79
CA GLY A 149 5.63 -8.80 -2.63
C GLY A 149 6.75 -7.76 -2.70
N ILE A 150 6.88 -6.91 -1.67
CA ILE A 150 7.74 -5.73 -1.75
C ILE A 150 9.19 -6.09 -1.90
N ILE A 151 9.58 -7.29 -1.46
CA ILE A 151 10.95 -7.76 -1.66
C ILE A 151 11.33 -7.81 -3.14
N ASP A 152 10.34 -7.99 -4.02
CA ASP A 152 10.61 -8.08 -5.45
C ASP A 152 10.29 -6.77 -6.20
N PHE A 153 10.00 -5.70 -5.47
CA PHE A 153 9.70 -4.44 -6.18
C PHE A 153 11.02 -3.81 -6.63
N PRO A 154 11.03 -3.11 -7.77
CA PRO A 154 12.23 -2.48 -8.28
C PRO A 154 12.75 -1.21 -7.63
N SER A 155 14.06 -1.08 -7.58
CA SER A 155 14.74 0.15 -7.12
C SER A 155 15.04 1.04 -8.33
N ALA A 156 15.65 2.20 -8.11
CA ALA A 156 15.91 3.18 -9.19
C ALA A 156 16.79 2.64 -10.31
N VAL A 157 17.57 1.59 -10.10
CA VAL A 157 18.41 1.12 -11.20
C VAL A 157 17.64 0.34 -12.26
N PHE A 158 16.37 0.02 -12.03
CA PHE A 158 15.64 -0.80 -12.97
C PHE A 158 14.79 0.08 -13.86
N ARG A 159 14.51 -0.43 -15.06
CA ARG A 159 13.58 0.18 -16.00
C ARG A 159 12.62 -0.92 -16.41
N MET A 160 11.45 -0.93 -15.80
CA MET A 160 10.42 -1.93 -16.05
C MET A 160 9.75 -1.65 -17.39
N SER A 161 9.45 -2.72 -18.12
CA SER A 161 8.54 -2.66 -19.26
C SER A 161 7.55 -3.81 -19.17
N GLY A 162 6.47 -3.70 -19.93
CA GLY A 162 5.36 -4.62 -19.81
C GLY A 162 4.14 -3.90 -19.26
N MET A 163 3.31 -4.60 -18.49
CA MET A 163 1.98 -4.12 -18.15
C MET A 163 1.87 -3.77 -16.69
N ILE A 164 1.15 -2.68 -16.41
CA ILE A 164 0.63 -2.41 -15.08
C ILE A 164 -0.88 -2.56 -15.19
N ASP A 165 -1.46 -3.54 -14.48
CA ASP A 165 -2.90 -3.81 -14.57
C ASP A 165 -3.63 -3.26 -13.36
N VAL A 166 -4.68 -2.50 -13.59
CA VAL A 166 -5.60 -2.05 -12.54
C VAL A 166 -6.90 -2.82 -12.72
N TYR A 167 -7.33 -3.51 -11.68
CA TYR A 167 -8.59 -4.24 -11.68
C TYR A 167 -9.66 -3.37 -11.04
N TRP A 168 -10.74 -3.14 -11.77
CA TRP A 168 -11.80 -2.23 -11.38
C TRP A 168 -13.06 -3.05 -11.14
N ILE A 169 -13.71 -2.81 -10.01
CA ILE A 169 -14.96 -3.56 -9.63
C ILE A 169 -16.10 -2.57 -9.41
N VAL A 170 -17.30 -3.10 -9.17
CA VAL A 170 -18.60 -2.37 -9.25
C VAL A 170 -18.54 -1.00 -8.61
N HIS A 171 -18.00 -0.84 -7.42
CA HIS A 171 -18.02 0.55 -6.90
C HIS A 171 -16.63 1.17 -7.01
N ASP A 172 -15.76 0.84 -6.06
CA ASP A 172 -14.36 1.35 -6.06
C ASP A 172 -14.32 2.86 -6.21
N GLY A 173 -13.37 3.32 -7.00
CA GLY A 173 -13.11 4.72 -7.30
C GLY A 173 -11.94 4.77 -8.25
N GLY A 174 -11.53 5.99 -8.58
CA GLY A 174 -10.40 6.16 -9.46
C GLY A 174 -9.04 6.11 -8.81
N LEU A 175 -8.98 5.66 -7.55
CA LEU A 175 -7.75 5.79 -6.78
C LEU A 175 -6.68 4.81 -7.25
N CYS A 176 -7.01 3.53 -7.37
CA CYS A 176 -6.09 2.57 -7.98
C CYS A 176 -5.53 3.10 -9.28
N LEU A 177 -6.41 3.61 -10.13
CA LEU A 177 -5.98 4.10 -11.42
C LEU A 177 -4.98 5.24 -11.28
N LEU A 178 -5.26 6.17 -10.36
CA LEU A 178 -4.34 7.27 -10.14
C LEU A 178 -2.98 6.75 -9.71
N MET A 179 -2.95 5.77 -8.81
CA MET A 179 -1.67 5.27 -8.31
C MET A 179 -0.86 4.68 -9.45
N GLY A 180 -1.50 3.90 -10.32
CA GLY A 180 -0.79 3.39 -11.47
C GLY A 180 -0.25 4.51 -12.33
N TYR A 181 -1.07 5.53 -12.55
CA TYR A 181 -0.65 6.66 -13.37
C TYR A 181 0.55 7.36 -12.78
N LEU A 182 0.52 7.66 -11.47
CA LEU A 182 1.68 8.27 -10.82
C LEU A 182 2.93 7.40 -10.94
N LEU A 183 2.81 6.09 -10.71
CA LEU A 183 3.97 5.22 -10.90
C LEU A 183 4.50 5.33 -12.33
N LYS A 184 3.62 5.33 -13.31
CA LYS A 184 4.10 5.44 -14.68
C LYS A 184 4.81 6.76 -14.96
N GLN A 185 4.63 7.77 -14.11
CA GLN A 185 5.36 9.02 -14.31
C GLN A 185 6.83 8.89 -13.92
N HIS A 186 7.18 7.89 -13.13
CA HIS A 186 8.56 7.73 -12.71
C HIS A 186 9.31 6.90 -13.74
N LYS A 187 10.61 7.17 -13.87
CA LYS A 187 11.40 6.50 -14.88
C LYS A 187 11.40 4.99 -14.68
N VAL A 188 11.24 4.53 -13.43
CA VAL A 188 11.30 3.09 -13.15
C VAL A 188 10.19 2.36 -13.89
N TRP A 189 9.02 2.97 -13.99
CA TRP A 189 7.85 2.36 -14.62
C TRP A 189 7.47 2.99 -15.95
N ARG A 190 8.24 3.98 -16.40
CA ARG A 190 7.85 4.76 -17.58
C ARG A 190 7.69 3.88 -18.82
N GLY A 191 8.39 2.77 -18.90
CA GLY A 191 8.29 1.91 -20.06
C GLY A 191 7.16 0.90 -20.00
N CYS A 192 6.30 1.00 -19.01
CA CYS A 192 5.17 0.12 -18.84
C CYS A 192 3.91 0.70 -19.49
N LYS A 193 3.07 -0.18 -20.03
CA LYS A 193 1.74 0.22 -20.49
C LYS A 193 0.72 0.05 -19.36
N LEU A 194 -0.19 1.00 -19.25
CA LEU A 194 -1.21 0.96 -18.21
C LEU A 194 -2.49 0.36 -18.77
N ARG A 195 -3.05 -0.60 -18.07
CA ARG A 195 -4.25 -1.28 -18.53
C ARG A 195 -5.25 -1.37 -17.40
N VAL A 196 -6.51 -1.01 -17.68
CA VAL A 196 -7.59 -1.11 -16.71
C VAL A 196 -8.43 -2.30 -17.10
N ILE A 197 -8.55 -3.26 -16.20
CA ILE A 197 -9.35 -4.46 -16.44
C ILE A 197 -10.61 -4.38 -15.59
N GLY A 198 -11.76 -4.25 -16.23
CA GLY A 198 -13.03 -4.26 -15.52
C GLY A 198 -13.54 -5.68 -15.40
N ILE A 199 -14.02 -6.02 -14.21
CA ILE A 199 -14.60 -7.34 -13.95
C ILE A 199 -16.11 -7.18 -13.92
N ALA A 200 -16.77 -7.84 -14.86
CA ALA A 200 -18.19 -7.70 -15.07
C ALA A 200 -18.98 -8.72 -14.27
N GLN A 201 -20.09 -8.27 -13.68
CA GLN A 201 -21.05 -9.14 -13.02
C GLN A 201 -21.95 -9.80 -14.05
N GLU A 202 -22.79 -10.72 -13.57
CA GLU A 202 -23.70 -11.45 -14.45
C GLU A 202 -24.77 -10.56 -15.05
N SER A 203 -25.04 -9.39 -14.45
CA SER A 203 -26.08 -8.48 -14.93
C SER A 203 -25.53 -7.45 -15.91
N ASP A 204 -24.35 -6.91 -15.62
CA ASP A 204 -23.76 -5.89 -16.48
C ASP A 204 -23.43 -6.47 -17.84
N ASN A 205 -23.66 -5.69 -18.89
CA ASN A 205 -23.24 -6.08 -20.23
C ASN A 205 -21.84 -5.54 -20.48
N ASN A 206 -21.03 -6.36 -21.14
CA ASN A 206 -19.61 -6.03 -21.27
C ASN A 206 -19.38 -4.79 -22.12
N VAL A 207 -20.25 -4.54 -23.10
CA VAL A 207 -20.03 -3.43 -24.02
C VAL A 207 -20.17 -2.09 -23.30
N LYS A 208 -21.26 -1.91 -22.57
CA LYS A 208 -21.49 -0.64 -21.90
C LYS A 208 -20.56 -0.42 -20.71
N MET A 209 -20.02 -1.49 -20.12
CA MET A 209 -19.02 -1.28 -19.07
C MET A 209 -17.71 -0.78 -19.66
N GLN A 210 -17.36 -1.27 -20.85
CA GLN A 210 -16.18 -0.79 -21.56
C GLN A 210 -16.31 0.70 -21.87
N GLU A 211 -17.47 1.11 -22.40
CA GLU A 211 -17.68 2.51 -22.73
C GLU A 211 -17.60 3.39 -21.49
N ASP A 212 -18.22 2.98 -20.39
CA ASP A 212 -18.19 3.80 -19.18
C ASP A 212 -16.77 4.01 -18.68
N LEU A 213 -16.00 2.93 -18.58
CA LEU A 213 -14.62 3.07 -18.11
C LEU A 213 -13.76 3.88 -19.06
N GLN A 214 -14.01 3.76 -20.37
CA GLN A 214 -13.24 4.55 -21.32
C GLN A 214 -13.48 6.04 -21.09
N LYS A 215 -14.74 6.45 -20.98
CA LYS A 215 -15.04 7.85 -20.72
C LYS A 215 -14.45 8.31 -19.38
N TYR A 216 -14.57 7.48 -18.34
CA TYR A 216 -14.10 7.88 -17.02
C TYR A 216 -12.59 8.10 -17.03
N VAL A 217 -11.85 7.17 -17.61
CA VAL A 217 -10.41 7.32 -17.78
C VAL A 217 -10.08 8.58 -18.55
N TYR A 218 -10.87 8.90 -19.58
CA TYR A 218 -10.64 10.13 -20.31
C TYR A 218 -10.90 11.35 -19.45
N GLN A 219 -11.89 11.28 -18.56
CA GLN A 219 -12.15 12.40 -17.67
C GLN A 219 -10.98 12.64 -16.74
N LEU A 220 -10.29 11.58 -16.32
CA LEU A 220 -9.14 11.66 -15.44
C LEU A 220 -7.87 12.13 -16.15
N ARG A 221 -7.88 12.18 -17.47
CA ARG A 221 -6.71 12.58 -18.28
C ARG A 221 -5.55 11.59 -18.08
N ILE A 222 -5.88 10.30 -18.08
CA ILE A 222 -4.92 9.20 -17.90
C ILE A 222 -4.99 8.31 -19.13
N ASP A 223 -3.83 8.01 -19.71
CA ASP A 223 -3.75 7.16 -20.90
C ASP A 223 -3.71 5.70 -20.47
N ALA A 224 -4.80 4.97 -20.73
CA ALA A 224 -4.89 3.58 -20.30
C ALA A 224 -5.75 2.80 -21.28
N LYS A 225 -5.41 1.53 -21.47
CA LYS A 225 -6.21 0.66 -22.32
C LYS A 225 -7.26 -0.02 -21.46
N ILE A 226 -8.49 -0.11 -21.96
CA ILE A 226 -9.61 -0.68 -21.21
C ILE A 226 -9.87 -2.08 -21.72
N MET A 227 -10.07 -3.03 -20.81
CA MET A 227 -10.38 -4.40 -21.17
C MET A 227 -11.42 -4.95 -20.19
N ILE A 228 -12.46 -5.61 -20.70
CA ILE A 228 -13.52 -6.15 -19.84
C ILE A 228 -13.42 -7.66 -19.78
N VAL A 229 -13.42 -8.20 -18.57
CA VAL A 229 -13.37 -9.63 -18.30
C VAL A 229 -14.62 -10.03 -17.53
N GLU A 230 -15.16 -11.21 -17.81
CA GLU A 230 -16.34 -11.67 -17.09
C GLU A 230 -15.96 -12.51 -15.86
N LEU A 231 -16.60 -12.22 -14.73
CA LEU A 231 -16.31 -12.93 -13.49
C LEU A 231 -16.77 -14.38 -13.55
N ALA A 232 -18.04 -14.60 -13.87
CA ALA A 232 -18.64 -15.91 -13.72
C ALA A 232 -18.05 -16.89 -14.75
N ASP A 233 -18.33 -18.17 -14.55
CA ASP A 233 -17.94 -19.21 -15.49
C ASP A 233 -18.72 -20.51 -15.24
N SER B 1 -19.83 -18.44 -1.50
CA SER B 1 -18.78 -18.68 -0.52
C SER B 1 -17.57 -17.78 -0.80
N LYS B 2 -16.85 -17.38 0.26
CA LYS B 2 -15.75 -16.46 0.04
C LYS B 2 -14.58 -17.14 -0.66
N MET B 3 -14.31 -18.41 -0.34
CA MET B 3 -13.21 -19.12 -1.00
C MET B 3 -13.48 -19.29 -2.50
N HIS B 4 -14.71 -19.63 -2.86
CA HIS B 4 -15.06 -19.70 -4.29
C HIS B 4 -14.67 -18.41 -4.98
N THR B 5 -15.01 -17.28 -4.37
CA THR B 5 -14.73 -16.00 -4.98
C THR B 5 -13.23 -15.73 -5.05
N ALA B 6 -12.52 -15.95 -3.94
CA ALA B 6 -11.09 -15.72 -3.97
C ALA B 6 -10.41 -16.61 -5.01
N VAL B 7 -10.84 -17.85 -5.11
CA VAL B 7 -10.20 -18.77 -6.06
C VAL B 7 -10.51 -18.36 -7.50
N ARG B 8 -11.74 -17.96 -7.78
CA ARG B 8 -12.07 -17.55 -9.13
C ARG B 8 -11.31 -16.29 -9.52
N LEU B 9 -11.20 -15.35 -8.59
CA LEU B 9 -10.41 -14.15 -8.85
C LEU B 9 -8.95 -14.49 -9.11
N ASN B 10 -8.37 -15.40 -8.33
CA ASN B 10 -7.01 -15.83 -8.60
C ASN B 10 -6.89 -16.39 -10.02
N GLU B 11 -7.85 -17.23 -10.43
CA GLU B 11 -7.85 -17.75 -11.80
C GLU B 11 -7.84 -16.62 -12.85
N LEU B 12 -8.68 -15.59 -12.67
CA LEU B 12 -8.72 -14.49 -13.62
C LEU B 12 -7.42 -13.71 -13.60
N LEU B 13 -6.94 -13.34 -12.42
CA LEU B 13 -5.71 -12.58 -12.31
C LEU B 13 -4.55 -13.29 -13.00
N LEU B 14 -4.47 -14.61 -12.84
CA LEU B 14 -3.38 -15.34 -13.46
C LEU B 14 -3.60 -15.47 -14.96
N GLN B 15 -4.86 -15.56 -15.38
CA GLN B 15 -5.14 -15.72 -16.80
C GLN B 15 -4.74 -14.47 -17.57
N HIS B 16 -4.97 -13.31 -16.99
CA HIS B 16 -4.74 -12.06 -17.71
C HIS B 16 -3.50 -11.31 -17.27
N SER B 17 -3.01 -11.56 -16.07
CA SER B 17 -1.95 -10.74 -15.53
C SER B 17 -0.77 -11.54 -14.96
N ALA B 18 -0.67 -12.84 -15.24
CA ALA B 18 0.42 -13.63 -14.69
C ALA B 18 1.78 -13.02 -15.05
N ASN B 19 1.91 -12.45 -16.25
CA ASN B 19 3.16 -11.85 -16.72
C ASN B 19 3.18 -10.34 -16.61
N SER B 20 2.22 -9.73 -15.92
CA SER B 20 2.25 -8.28 -15.77
C SER B 20 3.28 -7.90 -14.70
N GLN B 21 3.84 -6.69 -14.81
CA GLN B 21 4.86 -6.24 -13.86
C GLN B 21 4.25 -5.82 -12.52
N LEU B 22 2.99 -5.43 -12.50
CA LEU B 22 2.39 -4.84 -11.30
C LEU B 22 0.89 -4.95 -11.43
N ILE B 23 0.21 -5.33 -10.36
CA ILE B 23 -1.24 -5.40 -10.35
C ILE B 23 -1.72 -4.54 -9.18
N LEU B 24 -2.71 -3.68 -9.42
CA LEU B 24 -3.38 -2.90 -8.38
C LEU B 24 -4.83 -3.36 -8.25
N LEU B 25 -5.27 -3.57 -7.00
CA LEU B 25 -6.57 -4.15 -6.66
C LEU B 25 -7.14 -3.38 -5.47
N ASN B 26 -8.45 -3.34 -5.37
CA ASN B 26 -9.09 -2.84 -4.15
C ASN B 26 -8.76 -3.69 -2.91
N LEU B 27 -8.51 -3.04 -1.77
CA LEU B 27 -8.41 -3.73 -0.49
C LEU B 27 -9.79 -3.81 0.15
N PRO B 28 -10.33 -4.99 0.40
CA PRO B 28 -11.66 -5.08 1.02
C PRO B 28 -11.67 -4.53 2.44
N LYS B 29 -12.86 -4.08 2.87
CA LYS B 29 -13.03 -3.59 4.23
C LYS B 29 -12.60 -4.65 5.23
N PRO B 30 -11.75 -4.31 6.19
CA PRO B 30 -11.26 -5.30 7.16
C PRO B 30 -12.36 -5.72 8.12
N PRO B 31 -12.17 -6.81 8.85
CA PRO B 31 -13.20 -7.29 9.77
C PRO B 31 -13.32 -6.37 10.98
N VAL B 32 -14.37 -6.61 11.76
CA VAL B 32 -14.67 -5.74 12.90
C VAL B 32 -14.51 -6.55 14.19
N HIS B 33 -14.35 -5.80 15.28
CA HIS B 33 -14.26 -6.29 16.66
C HIS B 33 -13.06 -7.19 16.92
N LYS B 34 -12.09 -7.23 15.99
CA LYS B 34 -10.81 -7.90 16.21
C LYS B 34 -10.98 -9.36 16.60
N ASP B 35 -12.02 -10.01 16.09
CA ASP B 35 -12.14 -11.46 16.26
C ASP B 35 -10.94 -12.16 15.66
N GLN B 36 -10.22 -12.95 16.46
CA GLN B 36 -8.96 -13.51 15.99
C GLN B 36 -9.15 -14.42 14.78
N GLN B 37 -10.28 -15.12 14.71
CA GLN B 37 -10.55 -15.98 13.55
C GLN B 37 -10.90 -15.15 12.32
N ALA B 38 -11.66 -14.07 12.51
CA ALA B 38 -12.05 -13.24 11.37
C ALA B 38 -10.85 -12.54 10.75
N LEU B 39 -9.79 -12.34 11.52
CA LEU B 39 -8.55 -11.77 11.00
C LEU B 39 -7.81 -12.78 10.13
N ASP B 40 -7.59 -13.99 10.65
CA ASP B 40 -6.89 -15.02 9.90
C ASP B 40 -7.61 -15.30 8.59
N ASP B 41 -8.94 -15.24 8.57
CA ASP B 41 -9.70 -15.49 7.34
C ASP B 41 -9.65 -14.31 6.37
N TYR B 42 -9.57 -13.09 6.89
CA TYR B 42 -9.40 -11.93 6.03
C TYR B 42 -8.08 -12.03 5.27
N VAL B 43 -7.02 -12.34 6.00
CA VAL B 43 -5.69 -12.44 5.39
C VAL B 43 -5.67 -13.60 4.39
N HIS B 44 -6.30 -14.71 4.76
CA HIS B 44 -6.24 -15.90 3.91
C HIS B 44 -6.94 -15.64 2.58
N TYR B 45 -8.11 -15.03 2.64
CA TYR B 45 -8.83 -14.69 1.42
C TYR B 45 -7.94 -13.90 0.46
N LEU B 46 -7.24 -12.87 0.98
CA LEU B 46 -6.36 -12.09 0.12
C LEU B 46 -5.15 -12.89 -0.36
N GLU B 47 -4.59 -13.78 0.46
CA GLU B 47 -3.46 -14.58 -0.01
C GLU B 47 -3.88 -15.54 -1.12
N VAL B 48 -5.05 -16.16 -1.00
CA VAL B 48 -5.54 -17.05 -2.06
C VAL B 48 -5.78 -16.27 -3.35
N MET B 49 -6.44 -15.12 -3.22
CA MET B 49 -6.75 -14.30 -4.38
C MET B 49 -5.49 -13.93 -5.15
N THR B 50 -4.41 -13.65 -4.43
CA THR B 50 -3.18 -13.15 -5.09
C THR B 50 -2.09 -14.21 -5.18
N ASP B 51 -2.42 -15.47 -4.97
CA ASP B 51 -1.43 -16.57 -5.07
C ASP B 51 -0.73 -16.54 -6.43
N LYS B 52 0.60 -16.60 -6.41
CA LYS B 52 1.54 -16.65 -7.56
C LYS B 52 1.70 -15.32 -8.27
N LEU B 53 1.15 -14.23 -7.74
CA LEU B 53 1.37 -12.92 -8.37
C LEU B 53 2.56 -12.32 -7.61
N ASN B 54 3.56 -11.82 -8.31
CA ASN B 54 4.77 -11.36 -7.61
C ASN B 54 4.67 -9.94 -7.05
N ARG B 55 3.92 -9.06 -7.67
CA ARG B 55 3.87 -7.66 -7.21
C ARG B 55 2.44 -7.19 -7.23
N VAL B 56 1.90 -6.89 -6.03
CA VAL B 56 0.52 -6.50 -5.93
C VAL B 56 0.44 -5.32 -4.98
N ILE B 57 -0.35 -4.32 -5.34
CA ILE B 57 -0.63 -3.16 -4.47
C ILE B 57 -2.14 -3.16 -4.23
N PHE B 58 -2.55 -3.30 -2.97
CA PHE B 58 -3.95 -3.11 -2.58
C PHE B 58 -4.18 -1.65 -2.17
N VAL B 59 -5.30 -1.08 -2.58
CA VAL B 59 -5.65 0.32 -2.27
C VAL B 59 -7.07 0.38 -1.71
N ARG B 60 -7.26 1.15 -0.63
CA ARG B 60 -8.60 1.49 -0.15
C ARG B 60 -8.64 2.96 0.18
N GLY B 61 -9.49 3.72 -0.51
CA GLY B 61 -9.65 5.13 -0.23
C GLY B 61 -10.62 5.38 0.90
N THR B 62 -10.72 6.66 1.27
CA THR B 62 -11.80 7.09 2.14
C THR B 62 -13.13 7.16 1.41
N GLY B 63 -13.10 7.13 0.08
CA GLY B 63 -14.27 7.41 -0.72
C GLY B 63 -14.56 8.88 -0.90
N LYS B 64 -13.89 9.73 -0.14
CA LYS B 64 -14.08 11.17 -0.28
C LYS B 64 -13.03 11.82 -1.18
N GLU B 65 -12.02 11.07 -1.62
CA GLU B 65 -11.01 11.69 -2.46
C GLU B 65 -11.62 12.12 -3.79
N VAL B 66 -11.32 13.34 -4.22
CA VAL B 66 -11.75 13.85 -5.51
C VAL B 66 -10.51 14.00 -6.38
N ILE B 67 -10.37 13.10 -7.36
CA ILE B 67 -9.15 13.03 -8.14
C ILE B 67 -9.10 14.13 -9.19
N THR B 68 -10.22 14.39 -9.83
CA THR B 68 -10.33 15.41 -10.87
C THR B 68 -10.13 16.81 -10.31
O22 P33 C . 20.00 -0.88 17.28
C21 P33 C . 20.31 -0.84 15.91
C20 P33 C . 20.56 0.62 15.57
O19 P33 C . 21.04 0.68 14.22
C18 P33 C . 21.64 1.94 13.98
C17 P33 C . 23.17 1.74 13.71
O16 P33 C . 23.38 1.69 12.31
C15 P33 C . 24.72 1.39 11.98
C14 P33 C . 24.78 0.81 10.54
O13 P33 C . 24.55 1.86 9.59
C12 P33 C . 23.71 1.41 8.55
C11 P33 C . 24.30 1.85 7.20
O10 P33 C . 23.85 3.14 6.92
C9 P33 C . 24.94 3.99 6.62
C8 P33 C . 24.40 5.42 6.48
O7 P33 C . 23.91 5.84 7.74
C6 P33 C . 23.99 7.23 7.84
C5 P33 C . 23.46 7.66 9.21
O4 P33 C . 23.91 6.74 10.16
C3 P33 C . 24.13 7.35 11.40
C2 P33 C . 24.42 6.23 12.42
O1 P33 C . 23.21 5.57 12.67
C1 GOL D . 13.11 -8.68 -10.33
O1 GOL D . 12.00 -8.93 -9.52
C2 GOL D . 13.71 -7.31 -9.90
O2 GOL D . 13.52 -7.02 -8.55
C3 GOL D . 13.09 -6.25 -10.83
O3 GOL D . 13.18 -6.77 -12.13
C1 GOL E . 8.37 -15.53 12.38
O1 GOL E . 8.64 -15.32 13.76
C2 GOL E . 9.09 -16.75 11.85
O2 GOL E . 10.44 -16.78 12.30
C3 GOL E . 9.04 -16.87 10.34
O3 GOL E . 7.77 -17.35 9.90
C1 GOL F . 5.80 -7.58 14.73
O1 GOL F . 5.14 -8.69 15.27
C2 GOL F . 4.71 -6.63 14.19
O2 GOL F . 3.44 -7.01 14.65
C3 GOL F . 4.84 -6.64 12.64
O3 GOL F . 3.57 -6.43 12.08
#